data_3CNB
#
_entry.id   3CNB
#
_cell.length_a   55.277
_cell.length_b   96.446
_cell.length_c   178.276
_cell.angle_alpha   90.00
_cell.angle_beta   90.00
_cell.angle_gamma   90.00
#
_symmetry.space_group_name_H-M   'C 2 2 21'
#
loop_
_entity.id
_entity.type
_entity.pdbx_description
1 polymer 'DNA-binding response regulator, merR family'
2 water water
#
_entity_poly.entity_id   1
_entity_poly.type   'polypeptide(L)'
_entity_poly.pdbx_seq_one_letter_code
;MSLNVKNDFSILIIEDDKEFADMLTQFLENLFPYAKIKIAYNPFDAGDLLHTVKPDVVMLDLMMVGMDGFSICHRIKSTP
ATANIIVIAMTGALTDDNVSRIVALGAETCFGKPLNFTLLEKTIKQLVEQKKATSEGHHHHHH
;
_entity_poly.pdbx_strand_id   A,B,C
#
# COMPACT_ATOMS: atom_id res chain seq x y z
N PHE A 9 -24.85 -4.94 28.25
CA PHE A 9 -24.26 -6.26 27.83
C PHE A 9 -22.74 -6.08 27.71
N SER A 10 -21.99 -7.03 28.25
CA SER A 10 -20.57 -6.81 28.50
C SER A 10 -19.68 -7.96 28.03
N ILE A 11 -18.61 -7.63 27.29
CA ILE A 11 -17.71 -8.66 26.80
C ILE A 11 -16.30 -8.35 27.26
N LEU A 12 -15.62 -9.37 27.80
CA LEU A 12 -14.21 -9.27 28.16
C LEU A 12 -13.34 -10.11 27.22
N ILE A 13 -12.36 -9.46 26.62
CA ILE A 13 -11.40 -10.11 25.73
C ILE A 13 -10.08 -10.29 26.44
N ILE A 14 -9.66 -11.52 26.57
CA ILE A 14 -8.37 -11.87 27.12
C ILE A 14 -7.40 -12.25 26.03
N GLU A 15 -6.44 -11.38 25.77
CA GLU A 15 -5.59 -11.46 24.60
C GLU A 15 -4.34 -10.56 24.66
N ASP A 16 -3.15 -11.11 24.59
CA ASP A 16 -1.95 -10.28 24.64
C ASP A 16 -1.47 -9.67 23.35
N ASP A 17 -1.99 -10.14 22.23
CA ASP A 17 -1.70 -9.53 20.93
C ASP A 17 -2.56 -8.28 20.79
N LYS A 18 -1.91 -7.12 20.85
CA LYS A 18 -2.56 -5.82 20.84
C LYS A 18 -3.34 -5.50 19.55
N GLU A 19 -2.71 -5.74 18.40
CA GLU A 19 -3.32 -5.45 17.10
C GLU A 19 -4.57 -6.29 16.87
N PHE A 20 -4.45 -7.57 17.20
CA PHE A 20 -5.57 -8.51 17.13
C PHE A 20 -6.68 -8.19 18.15
N ALA A 21 -6.28 -7.84 19.38
CA ALA A 21 -7.25 -7.46 20.41
C ALA A 21 -8.06 -6.24 20.02
N ASP A 22 -7.44 -5.31 19.29
CA ASP A 22 -8.13 -4.08 18.85
C ASP A 22 -9.06 -4.39 17.68
N MET A 23 -8.66 -5.36 16.86
CA MET A 23 -9.46 -5.79 15.71
C MET A 23 -10.70 -6.56 16.14
N LEU A 24 -10.49 -7.55 17.02
CA LEU A 24 -11.59 -8.28 17.64
C LEU A 24 -12.55 -7.34 18.37
N THR A 25 -12.00 -6.33 19.04
CA THR A 25 -12.82 -5.36 19.79
C THR A 25 -13.66 -4.55 18.82
N GLN A 26 -13.05 -4.10 17.74
CA GLN A 26 -13.74 -3.29 16.73
C GLN A 26 -14.83 -4.08 16.03
N PHE A 27 -14.50 -5.29 15.63
CA PHE A 27 -15.48 -6.24 15.10
C PHE A 27 -16.69 -6.44 16.02
N LEU A 28 -16.43 -6.65 17.31
CA LEU A 28 -17.51 -6.90 18.23
C LEU A 28 -18.30 -5.63 18.57
N GLU A 29 -17.67 -4.46 18.54
CA GLU A 29 -18.40 -3.18 18.66
C GLU A 29 -19.28 -2.88 17.46
N ASN A 30 -18.79 -3.19 16.26
CA ASN A 30 -19.59 -3.14 15.02
C ASN A 30 -20.84 -4.02 15.17
N LEU A 31 -20.65 -5.25 15.63
CA LEU A 31 -21.72 -6.23 15.79
C LEU A 31 -22.70 -5.87 16.89
N PHE A 32 -22.21 -5.33 18.00
CA PHE A 32 -23.07 -4.99 19.12
C PHE A 32 -22.79 -3.55 19.55
N PRO A 33 -23.44 -2.55 18.91
CA PRO A 33 -23.18 -1.12 19.15
C PRO A 33 -23.50 -0.66 20.58
N TYR A 34 -24.26 -1.44 21.33
CA TYR A 34 -24.59 -1.09 22.72
C TYR A 34 -23.87 -1.94 23.79
N ALA A 35 -23.03 -2.88 23.38
CA ALA A 35 -22.24 -3.66 24.35
C ALA A 35 -21.07 -2.86 24.87
N LYS A 36 -20.64 -3.13 26.10
CA LYS A 36 -19.32 -2.64 26.49
C LYS A 36 -18.28 -3.75 26.37
N ILE A 37 -17.20 -3.45 25.65
CA ILE A 37 -16.17 -4.41 25.33
C ILE A 37 -14.92 -3.94 26.05
N LYS A 38 -14.31 -4.84 26.82
CA LYS A 38 -13.08 -4.53 27.51
C LYS A 38 -12.00 -5.55 27.17
N ILE A 39 -10.75 -5.08 27.19
CA ILE A 39 -9.58 -5.93 26.93
C ILE A 39 -8.69 -6.07 28.17
N ALA A 40 -8.32 -7.31 28.46
CA ALA A 40 -7.26 -7.62 29.39
C ALA A 40 -6.06 -8.12 28.59
N TYR A 41 -4.96 -7.37 28.66
CA TYR A 41 -3.76 -7.63 27.86
C TYR A 41 -2.77 -8.54 28.53
N ASN A 42 -3.02 -8.86 29.79
CA ASN A 42 -2.07 -9.65 30.57
C ASN A 42 -2.83 -10.48 31.59
N PRO A 43 -2.20 -11.52 32.19
CA PRO A 43 -2.95 -12.39 33.11
C PRO A 43 -3.58 -11.73 34.35
N PHE A 44 -2.93 -10.71 34.93
CA PHE A 44 -3.45 -10.08 36.14
C PHE A 44 -4.72 -9.32 35.82
N ASP A 45 -4.65 -8.55 34.75
CA ASP A 45 -5.78 -7.78 34.25
C ASP A 45 -6.93 -8.72 33.90
N ALA A 46 -6.62 -9.89 33.34
CA ALA A 46 -7.65 -10.93 33.09
C ALA A 46 -8.35 -11.34 34.39
N GLY A 47 -7.57 -11.65 35.43
CA GLY A 47 -8.13 -12.00 36.75
C GLY A 47 -8.98 -10.91 37.34
N ASP A 48 -8.49 -9.68 37.18
CA ASP A 48 -9.05 -8.51 37.81
C ASP A 48 -10.33 -8.09 37.10
N LEU A 49 -10.26 -7.98 35.77
CA LEU A 49 -11.38 -7.54 34.94
C LEU A 49 -12.53 -8.55 34.89
N LEU A 50 -12.24 -9.84 35.09
CA LEU A 50 -13.30 -10.84 35.34
C LEU A 50 -14.33 -10.33 36.34
N HIS A 51 -13.85 -9.72 37.42
CA HIS A 51 -14.73 -9.22 38.46
C HIS A 51 -15.27 -7.83 38.15
N THR A 52 -14.41 -6.91 37.71
CA THR A 52 -14.81 -5.50 37.64
C THR A 52 -15.70 -5.14 36.44
N VAL A 53 -15.54 -5.90 35.36
CA VAL A 53 -16.28 -5.68 34.11
C VAL A 53 -17.59 -6.48 34.16
N LYS A 54 -17.59 -7.54 34.97
CA LYS A 54 -18.71 -8.50 35.06
C LYS A 54 -19.20 -8.92 33.67
N PRO A 55 -18.35 -9.62 32.90
CA PRO A 55 -18.68 -9.84 31.49
C PRO A 55 -19.73 -10.92 31.32
N ASP A 56 -20.49 -10.82 30.25
CA ASP A 56 -21.48 -11.85 29.95
C ASP A 56 -20.82 -12.89 29.08
N VAL A 57 -19.82 -12.44 28.31
CA VAL A 57 -19.05 -13.24 27.38
C VAL A 57 -17.57 -13.00 27.63
N VAL A 58 -16.77 -14.07 27.69
CA VAL A 58 -15.32 -13.90 27.57
C VAL A 58 -14.71 -14.63 26.39
N MET A 59 -13.94 -13.86 25.62
CA MET A 59 -13.13 -14.38 24.55
C MET A 59 -11.76 -14.66 25.14
N LEU A 60 -11.38 -15.93 25.15
CA LEU A 60 -10.22 -16.40 25.86
C LEU A 60 -9.12 -16.94 24.93
N ASP A 61 -8.01 -16.22 24.84
CA ASP A 61 -6.86 -16.71 24.09
C ASP A 61 -6.08 -17.72 24.95
N LEU A 62 -6.00 -18.96 24.46
CA LEU A 62 -5.30 -20.05 25.14
C LEU A 62 -3.76 -20.03 24.98
N MET A 63 -3.23 -18.95 24.44
CA MET A 63 -1.79 -18.88 24.22
C MET A 63 -1.24 -17.57 24.74
N MET A 64 -2.00 -16.94 25.65
CA MET A 64 -1.53 -15.77 26.39
C MET A 64 -0.34 -16.26 27.22
N VAL A 65 0.75 -15.51 27.13
CA VAL A 65 2.02 -15.86 27.79
C VAL A 65 1.86 -15.65 29.29
N GLY A 66 2.18 -16.68 30.06
CA GLY A 66 2.14 -16.56 31.53
C GLY A 66 0.79 -16.83 32.18
N MET A 67 -0.13 -17.46 31.44
CA MET A 67 -1.36 -17.98 32.03
C MET A 67 -1.81 -19.26 31.36
N ASP A 68 -2.42 -20.14 32.16
CA ASP A 68 -2.92 -21.39 31.67
C ASP A 68 -4.40 -21.16 31.35
N GLY A 69 -4.74 -21.04 30.05
CA GLY A 69 -6.12 -20.81 29.60
C GLY A 69 -7.10 -21.92 29.95
N PHE A 70 -6.60 -23.14 30.02
CA PHE A 70 -7.43 -24.30 30.37
C PHE A 70 -7.91 -24.23 31.81
N SER A 71 -6.98 -23.83 32.68
CA SER A 71 -7.23 -23.65 34.10
C SER A 71 -8.19 -22.47 34.36
N ILE A 72 -7.93 -21.34 33.68
CA ILE A 72 -8.73 -20.12 33.75
C ILE A 72 -10.18 -20.42 33.33
N CYS A 73 -10.33 -21.14 32.22
CA CYS A 73 -11.67 -21.55 31.75
C CYS A 73 -12.40 -22.42 32.77
N HIS A 74 -11.69 -23.41 33.31
CA HIS A 74 -12.22 -24.24 34.37
C HIS A 74 -12.65 -23.42 35.58
N ARG A 75 -11.80 -22.50 36.04
CA ARG A 75 -12.16 -21.59 37.16
C ARG A 75 -13.38 -20.73 36.86
N ILE A 76 -13.51 -20.21 35.64
CA ILE A 76 -14.69 -19.39 35.29
C ILE A 76 -15.97 -20.23 35.35
N LYS A 77 -15.94 -21.39 34.70
CA LYS A 77 -17.16 -22.19 34.53
C LYS A 77 -17.56 -23.04 35.74
N SER A 78 -16.68 -23.19 36.72
CA SER A 78 -16.99 -24.00 37.90
C SER A 78 -17.24 -23.20 39.19
N THR A 79 -17.22 -21.88 39.09
CA THR A 79 -17.43 -21.00 40.24
C THR A 79 -18.79 -20.35 40.06
N PRO A 80 -19.66 -20.45 41.09
CA PRO A 80 -21.02 -19.95 41.04
C PRO A 80 -21.17 -18.57 40.44
N ALA A 81 -20.32 -17.63 40.84
CA ALA A 81 -20.48 -16.24 40.43
C ALA A 81 -20.27 -16.05 38.93
N THR A 82 -19.46 -16.92 38.35
CA THR A 82 -19.03 -16.73 36.97
C THR A 82 -19.51 -17.86 36.03
N ALA A 83 -20.20 -18.85 36.59
CA ALA A 83 -20.56 -20.08 35.85
C ALA A 83 -21.38 -19.83 34.60
N ASN A 84 -22.18 -18.76 34.60
CA ASN A 84 -23.04 -18.42 33.45
C ASN A 84 -22.42 -17.59 32.33
N ILE A 85 -21.17 -17.16 32.52
CA ILE A 85 -20.42 -16.45 31.50
C ILE A 85 -20.23 -17.38 30.28
N ILE A 86 -20.51 -16.86 29.09
CA ILE A 86 -20.27 -17.62 27.85
C ILE A 86 -18.81 -17.49 27.48
N VAL A 87 -18.09 -18.61 27.53
CA VAL A 87 -16.68 -18.62 27.25
C VAL A 87 -16.40 -19.16 25.84
N ILE A 88 -15.76 -18.33 25.02
CA ILE A 88 -15.33 -18.75 23.69
C ILE A 88 -13.81 -18.75 23.64
N ALA A 89 -13.23 -19.94 23.53
CA ALA A 89 -11.77 -20.04 23.40
C ALA A 89 -11.27 -19.68 21.99
N MET A 90 -10.04 -19.16 21.94
CA MET A 90 -9.31 -18.92 20.70
C MET A 90 -7.90 -19.47 20.89
N THR A 91 -7.29 -19.99 19.82
CA THR A 91 -5.91 -20.49 19.88
C THR A 91 -5.26 -20.51 18.49
N GLY A 92 -3.92 -20.45 18.45
CA GLY A 92 -3.18 -20.53 17.19
C GLY A 92 -3.29 -21.92 16.61
N ALA A 93 -2.40 -22.81 17.04
CA ALA A 93 -2.45 -24.20 16.58
C ALA A 93 -3.60 -24.99 17.25
N LEU A 94 -4.74 -25.07 16.56
CA LEU A 94 -5.81 -26.00 16.92
C LEU A 94 -5.33 -27.43 16.77
N THR A 95 -5.39 -28.19 17.86
CA THR A 95 -5.39 -29.63 17.75
C THR A 95 -6.70 -30.08 18.37
N ASP A 96 -7.07 -31.33 18.11
CA ASP A 96 -8.32 -31.85 18.61
C ASP A 96 -8.28 -32.19 20.10
N ASP A 97 -7.09 -32.48 20.62
CA ASP A 97 -6.89 -32.60 22.05
C ASP A 97 -7.15 -31.27 22.78
N ASN A 98 -6.61 -30.16 22.27
CA ASN A 98 -6.84 -28.83 22.85
C ASN A 98 -8.29 -28.34 22.80
N VAL A 99 -8.95 -28.56 21.66
CA VAL A 99 -10.39 -28.32 21.52
C VAL A 99 -11.21 -29.20 22.48
N SER A 100 -10.95 -30.49 22.49
CA SER A 100 -11.68 -31.40 23.37
C SER A 100 -11.51 -31.01 24.84
N ARG A 101 -10.29 -30.62 25.21
CA ARG A 101 -9.98 -30.21 26.59
C ARG A 101 -10.67 -28.92 26.96
N ILE A 102 -10.53 -27.89 26.11
CA ILE A 102 -11.16 -26.63 26.43
C ILE A 102 -12.69 -26.71 26.51
N VAL A 103 -13.29 -27.46 25.59
CA VAL A 103 -14.72 -27.64 25.58
C VAL A 103 -15.17 -28.41 26.84
N ALA A 104 -14.45 -29.46 27.19
CA ALA A 104 -14.82 -30.27 28.38
C ALA A 104 -14.70 -29.46 29.67
N LEU A 105 -13.83 -28.45 29.65
CA LEU A 105 -13.64 -27.51 30.77
C LEU A 105 -14.68 -26.39 30.85
N GLY A 106 -15.61 -26.34 29.88
CA GLY A 106 -16.71 -25.39 29.91
C GLY A 106 -16.82 -24.34 28.80
N ALA A 107 -15.81 -24.20 27.96
CA ALA A 107 -15.89 -23.33 26.77
C ALA A 107 -16.97 -23.84 25.79
N GLU A 108 -17.67 -22.93 25.10
CA GLU A 108 -18.73 -23.35 24.13
C GLU A 108 -18.10 -23.99 22.92
N THR A 109 -16.93 -23.49 22.58
CA THR A 109 -16.23 -23.84 21.37
C THR A 109 -14.85 -23.20 21.38
N CYS A 110 -14.05 -23.55 20.38
CA CYS A 110 -12.73 -23.03 20.26
C CYS A 110 -12.45 -22.65 18.81
N PHE A 111 -11.99 -21.42 18.60
CA PHE A 111 -11.66 -20.91 17.29
C PHE A 111 -10.16 -20.99 17.05
N GLY A 112 -9.78 -21.50 15.88
CA GLY A 112 -8.39 -21.48 15.44
C GLY A 112 -8.01 -20.12 14.90
N LYS A 113 -6.71 -19.85 14.82
CA LYS A 113 -6.23 -18.60 14.20
C LYS A 113 -5.56 -18.92 12.86
N PRO A 114 -5.79 -18.10 11.81
CA PRO A 114 -6.54 -16.83 11.81
C PRO A 114 -8.01 -17.09 11.98
N LEU A 115 -8.67 -16.26 12.77
CA LEU A 115 -10.04 -16.47 13.18
C LEU A 115 -11.03 -16.34 12.02
N ASN A 116 -11.96 -17.28 11.89
CA ASN A 116 -13.01 -17.17 10.88
C ASN A 116 -14.10 -16.23 11.41
N PHE A 117 -14.08 -14.97 10.96
CA PHE A 117 -15.00 -13.98 11.45
C PHE A 117 -16.47 -14.14 10.97
N THR A 118 -16.68 -14.79 9.82
CA THR A 118 -18.05 -15.20 9.42
C THR A 118 -18.68 -16.19 10.41
N LEU A 119 -17.93 -17.24 10.72
CA LEU A 119 -18.39 -18.19 11.72
C LEU A 119 -18.59 -17.56 13.13
N LEU A 120 -17.64 -16.72 13.54
CA LEU A 120 -17.75 -16.02 14.82
C LEU A 120 -18.98 -15.13 14.93
N GLU A 121 -19.26 -14.37 13.87
CA GLU A 121 -20.45 -13.50 13.81
C GLU A 121 -21.74 -14.29 14.12
N LYS A 122 -21.93 -15.43 13.45
CA LYS A 122 -23.10 -16.31 13.65
C LYS A 122 -23.10 -16.89 15.06
N THR A 123 -21.94 -17.43 15.46
CA THR A 123 -21.77 -18.15 16.72
C THR A 123 -22.06 -17.29 17.93
N ILE A 124 -21.39 -16.15 18.05
CA ILE A 124 -21.59 -15.29 19.23
C ILE A 124 -23.01 -14.74 19.33
N LYS A 125 -23.63 -14.39 18.21
CA LYS A 125 -25.03 -13.95 18.21
C LYS A 125 -25.96 -15.06 18.71
N GLN A 126 -25.80 -16.26 18.17
CA GLN A 126 -26.54 -17.42 18.65
C GLN A 126 -26.41 -17.58 20.16
N LEU A 127 -25.17 -17.69 20.63
CA LEU A 127 -24.90 -17.93 22.06
C LEU A 127 -25.49 -16.87 22.98
N VAL A 128 -25.49 -15.62 22.55
CA VAL A 128 -26.03 -14.51 23.33
C VAL A 128 -27.54 -14.69 23.46
N GLU A 129 -28.18 -15.06 22.35
CA GLU A 129 -29.62 -15.28 22.29
C GLU A 129 -30.09 -16.52 23.06
N GLN A 130 -29.37 -17.64 22.91
CA GLN A 130 -29.73 -18.91 23.56
C GLN A 130 -29.55 -18.89 25.09
N LYS A 131 -28.95 -17.80 25.57
CA LYS A 131 -28.84 -17.56 27.00
C LYS A 131 -30.13 -16.96 27.57
N LYS A 132 -30.69 -16.00 26.84
CA LYS A 132 -31.87 -15.24 27.28
C LYS A 132 -33.14 -16.09 27.33
N PHE B 9 9.63 12.62 -14.92
CA PHE B 9 9.00 12.94 -16.24
C PHE B 9 7.47 13.09 -16.10
N SER B 10 6.92 14.12 -16.73
CA SER B 10 5.53 14.51 -16.52
C SER B 10 4.88 15.12 -17.77
N ILE B 11 3.67 14.65 -18.10
CA ILE B 11 2.94 15.09 -19.31
C ILE B 11 1.55 15.66 -18.92
N LEU B 12 1.22 16.85 -19.45
CA LEU B 12 -0.10 17.45 -19.28
C LEU B 12 -0.86 17.44 -20.61
N ILE B 13 -1.99 16.77 -20.60
CA ILE B 13 -2.84 16.70 -21.77
C ILE B 13 -3.93 17.72 -21.53
N ILE B 14 -4.00 18.73 -22.41
CA ILE B 14 -5.07 19.73 -22.41
C ILE B 14 -6.04 19.34 -23.52
N GLU B 15 -7.13 18.71 -23.12
CA GLU B 15 -7.99 18.02 -24.08
C GLU B 15 -9.47 17.95 -23.64
N ASP B 16 -10.31 18.51 -24.50
CA ASP B 16 -11.75 18.61 -24.38
C ASP B 16 -12.40 17.24 -24.34
N ASP B 17 -12.14 16.47 -25.39
CA ASP B 17 -12.79 15.19 -25.67
C ASP B 17 -12.33 14.12 -24.71
N LYS B 18 -13.28 13.61 -23.92
CA LYS B 18 -13.01 12.69 -22.82
C LYS B 18 -12.49 11.32 -23.29
N GLU B 19 -13.01 10.85 -24.42
CA GLU B 19 -12.59 9.55 -24.98
C GLU B 19 -11.19 9.60 -25.61
N PHE B 20 -10.94 10.67 -26.37
CA PHE B 20 -9.64 10.87 -27.01
C PHE B 20 -8.55 11.02 -25.97
N ALA B 21 -8.85 11.76 -24.89
CA ALA B 21 -7.93 11.99 -23.77
C ALA B 21 -7.55 10.71 -23.03
N ASP B 22 -8.51 9.80 -22.92
CA ASP B 22 -8.28 8.52 -22.26
C ASP B 22 -7.49 7.54 -23.16
N MET B 23 -7.81 7.54 -24.45
CA MET B 23 -7.00 6.86 -25.48
C MET B 23 -5.53 7.28 -25.49
N LEU B 24 -5.28 8.59 -25.38
CA LEU B 24 -3.93 9.15 -25.41
C LEU B 24 -3.17 8.87 -24.12
N THR B 25 -3.88 8.94 -23.00
CA THR B 25 -3.33 8.59 -21.68
C THR B 25 -2.93 7.11 -21.63
N GLN B 26 -3.83 6.26 -22.12
CA GLN B 26 -3.60 4.82 -22.24
C GLN B 26 -2.31 4.56 -23.03
N PHE B 27 -2.20 5.20 -24.19
CA PHE B 27 -1.05 5.06 -25.07
C PHE B 27 0.27 5.48 -24.42
N LEU B 28 0.27 6.65 -23.78
CA LEU B 28 1.48 7.18 -23.19
C LEU B 28 1.88 6.48 -21.89
N GLU B 29 0.90 5.91 -21.18
CA GLU B 29 1.19 5.13 -19.97
C GLU B 29 1.87 3.79 -20.30
N ASN B 30 1.44 3.15 -21.39
CA ASN B 30 2.17 1.99 -21.95
C ASN B 30 3.58 2.37 -22.33
N LEU B 31 3.70 3.49 -23.05
CA LEU B 31 4.96 3.98 -23.59
C LEU B 31 5.96 4.35 -22.49
N PHE B 32 5.55 5.22 -21.56
CA PHE B 32 6.43 5.71 -20.50
C PHE B 32 5.84 5.32 -19.14
N PRO B 33 6.21 4.15 -18.60
CA PRO B 33 5.50 3.59 -17.46
C PRO B 33 5.78 4.30 -16.15
N TYR B 34 6.88 5.05 -16.06
CA TYR B 34 7.19 5.82 -14.86
C TYR B 34 7.08 7.33 -15.15
N ALA B 35 6.14 7.68 -16.02
CA ALA B 35 5.71 9.05 -16.23
C ALA B 35 4.44 9.31 -15.44
N LYS B 36 4.32 10.52 -14.91
CA LYS B 36 3.03 10.99 -14.41
C LYS B 36 2.29 11.72 -15.53
N ILE B 37 1.16 11.16 -15.91
CA ILE B 37 0.35 11.67 -17.00
C ILE B 37 -0.98 12.18 -16.43
N LYS B 38 -1.22 13.48 -16.59
CA LYS B 38 -2.44 14.12 -16.05
C LYS B 38 -3.19 14.84 -17.16
N ILE B 39 -4.50 14.79 -17.11
CA ILE B 39 -5.32 15.45 -18.11
C ILE B 39 -6.15 16.62 -17.57
N ALA B 40 -6.25 17.70 -18.36
CA ALA B 40 -7.10 18.85 -18.07
C ALA B 40 -8.19 19.00 -19.14
N TYR B 41 -9.45 18.96 -18.70
CA TYR B 41 -10.62 18.88 -19.61
C TYR B 41 -11.28 20.24 -19.90
N ASN B 42 -10.84 21.27 -19.17
CA ASN B 42 -11.39 22.61 -19.32
C ASN B 42 -10.27 23.65 -19.18
N PRO B 43 -10.49 24.89 -19.71
CA PRO B 43 -9.47 25.92 -19.64
C PRO B 43 -8.94 26.26 -18.25
N PHE B 44 -9.83 26.29 -17.25
CA PHE B 44 -9.37 26.56 -15.88
C PHE B 44 -8.34 25.55 -15.35
N ASP B 45 -8.68 24.28 -15.46
CA ASP B 45 -7.79 23.20 -15.01
C ASP B 45 -6.45 23.15 -15.76
N ALA B 46 -6.49 23.52 -17.05
CA ALA B 46 -5.29 23.64 -17.88
C ALA B 46 -4.31 24.66 -17.33
N GLY B 47 -4.79 25.85 -16.95
CA GLY B 47 -3.94 26.89 -16.36
C GLY B 47 -3.45 26.56 -14.96
N ASP B 48 -4.29 25.84 -14.22
CA ASP B 48 -3.99 25.40 -12.88
C ASP B 48 -2.98 24.26 -12.92
N LEU B 49 -3.31 23.18 -13.63
CA LEU B 49 -2.42 22.00 -13.72
C LEU B 49 -1.06 22.30 -14.36
N LEU B 50 -1.01 23.31 -15.21
CA LEU B 50 0.25 23.81 -15.75
C LEU B 50 1.26 24.09 -14.64
N HIS B 51 0.76 24.51 -13.48
CA HIS B 51 1.62 24.83 -12.36
C HIS B 51 1.80 23.69 -11.38
N THR B 52 0.71 22.99 -11.04
CA THR B 52 0.75 21.93 -10.03
C THR B 52 1.40 20.64 -10.56
N VAL B 53 1.25 20.38 -11.86
CA VAL B 53 1.83 19.20 -12.51
C VAL B 53 3.27 19.45 -12.94
N LYS B 54 3.62 20.73 -13.10
CA LYS B 54 4.94 21.17 -13.58
C LYS B 54 5.44 20.32 -14.74
N PRO B 55 4.67 20.27 -15.86
CA PRO B 55 4.92 19.27 -16.91
C PRO B 55 6.16 19.56 -17.74
N ASP B 56 6.79 18.51 -18.24
CA ASP B 56 7.92 18.61 -19.16
C ASP B 56 7.42 18.73 -20.59
N VAL B 57 6.30 18.08 -20.86
CA VAL B 57 5.58 18.24 -22.13
C VAL B 57 4.08 18.48 -21.94
N VAL B 58 3.53 19.43 -22.71
CA VAL B 58 2.08 19.57 -22.80
C VAL B 58 1.56 19.26 -24.19
N MET B 59 0.51 18.46 -24.21
CA MET B 59 -0.21 18.10 -25.44
C MET B 59 -1.43 19.00 -25.47
N LEU B 60 -1.49 19.84 -26.49
CA LEU B 60 -2.43 20.95 -26.50
C LEU B 60 -3.45 20.84 -27.62
N ASP B 61 -4.72 20.65 -27.28
CA ASP B 61 -5.74 20.68 -28.34
C ASP B 61 -6.03 22.12 -28.74
N LEU B 62 -5.95 22.38 -30.03
CA LEU B 62 -6.13 23.72 -30.60
C LEU B 62 -7.58 24.06 -30.85
N MET B 63 -8.46 23.12 -30.52
CA MET B 63 -9.89 23.30 -30.73
C MET B 63 -10.72 23.12 -29.44
N MET B 64 -10.06 23.15 -28.28
CA MET B 64 -10.78 23.18 -26.99
C MET B 64 -11.70 24.42 -26.96
N VAL B 65 -12.95 24.20 -26.57
CA VAL B 65 -13.96 25.27 -26.47
C VAL B 65 -13.59 26.22 -25.33
N GLY B 66 -13.70 27.53 -25.60
CA GLY B 66 -13.43 28.57 -24.60
C GLY B 66 -11.96 28.81 -24.30
N MET B 67 -11.09 28.47 -25.25
CA MET B 67 -9.65 28.63 -25.09
C MET B 67 -9.02 28.94 -26.44
N ASP B 68 -8.06 29.88 -26.45
CA ASP B 68 -7.27 30.18 -27.65
C ASP B 68 -5.96 29.44 -27.49
N GLY B 69 -5.77 28.37 -28.26
CA GLY B 69 -4.58 27.54 -28.16
C GLY B 69 -3.31 28.25 -28.63
N PHE B 70 -3.45 29.18 -29.58
CA PHE B 70 -2.32 29.97 -30.05
C PHE B 70 -1.81 30.85 -28.92
N SER B 71 -2.73 31.53 -28.20
CA SER B 71 -2.40 32.34 -27.02
C SER B 71 -1.79 31.52 -25.93
N ILE B 72 -2.38 30.35 -25.67
CA ILE B 72 -1.88 29.45 -24.60
C ILE B 72 -0.45 28.96 -24.88
N CYS B 73 -0.19 28.55 -26.12
CA CYS B 73 1.15 28.07 -26.52
C CYS B 73 2.20 29.16 -26.43
N HIS B 74 1.85 30.34 -26.93
CA HIS B 74 2.71 31.53 -26.76
C HIS B 74 2.99 31.85 -25.29
N ARG B 75 1.95 31.82 -24.44
CA ARG B 75 2.11 32.06 -23.00
C ARG B 75 3.12 31.08 -22.37
N ILE B 76 3.00 29.80 -22.71
CA ILE B 76 3.92 28.79 -22.17
C ILE B 76 5.33 29.02 -22.67
N LYS B 77 5.49 29.17 -23.97
CA LYS B 77 6.81 29.23 -24.59
C LYS B 77 7.55 30.55 -24.36
N SER B 78 6.84 31.67 -24.28
CA SER B 78 7.51 32.97 -24.14
CA SER B 78 7.51 32.96 -24.14
C SER B 78 7.47 33.56 -22.73
N THR B 79 7.11 32.74 -21.74
CA THR B 79 7.25 33.13 -20.32
C THR B 79 8.45 32.38 -19.80
N PRO B 80 9.45 33.12 -19.27
CA PRO B 80 10.73 32.53 -18.86
C PRO B 80 10.60 31.29 -17.96
N ALA B 81 9.65 31.31 -17.02
CA ALA B 81 9.43 30.20 -16.07
C ALA B 81 8.99 28.89 -16.72
N THR B 82 8.24 28.99 -17.82
CA THR B 82 7.66 27.82 -18.50
C THR B 82 8.25 27.51 -19.88
N ALA B 83 9.24 28.30 -20.31
CA ALA B 83 9.72 28.29 -21.70
C ALA B 83 10.30 26.96 -22.17
N ASN B 84 10.89 26.19 -21.26
CA ASN B 84 11.49 24.89 -21.61
C ASN B 84 10.50 23.74 -21.73
N ILE B 85 9.24 23.98 -21.41
CA ILE B 85 8.19 22.98 -21.63
C ILE B 85 8.05 22.75 -23.13
N ILE B 86 8.05 21.48 -23.52
CA ILE B 86 7.84 21.04 -24.90
C ILE B 86 6.35 21.02 -25.17
N VAL B 87 5.90 21.78 -26.17
CA VAL B 87 4.47 21.83 -26.52
C VAL B 87 4.22 21.12 -27.83
N ILE B 88 3.31 20.15 -27.80
CA ILE B 88 2.91 19.47 -29.02
C ILE B 88 1.44 19.79 -29.24
N ALA B 89 1.14 20.42 -30.38
CA ALA B 89 -0.21 20.84 -30.67
C ALA B 89 -1.00 19.70 -31.35
N MET B 90 -2.32 19.70 -31.17
CA MET B 90 -3.19 18.72 -31.82
C MET B 90 -4.39 19.48 -32.33
N THR B 91 -4.90 19.11 -33.50
CA THR B 91 -6.11 19.74 -34.02
C THR B 91 -6.83 18.83 -35.03
N GLY B 92 -8.13 19.04 -35.19
CA GLY B 92 -8.91 18.36 -36.21
C GLY B 92 -8.67 19.01 -37.56
N ALA B 93 -8.68 20.34 -37.56
CA ALA B 93 -8.41 21.14 -38.76
C ALA B 93 -6.91 21.36 -38.98
N LEU B 94 -6.26 20.40 -39.62
CA LEU B 94 -4.81 20.43 -39.85
C LEU B 94 -4.47 21.26 -41.11
N THR B 95 -4.85 22.53 -41.10
CA THR B 95 -4.58 23.44 -42.23
C THR B 95 -3.18 23.99 -42.12
N ASP B 96 -2.64 24.48 -43.22
CA ASP B 96 -1.29 25.01 -43.22
C ASP B 96 -1.13 26.25 -42.32
N ASP B 97 -2.17 27.08 -42.25
CA ASP B 97 -2.13 28.25 -41.36
C ASP B 97 -2.10 27.90 -39.87
N ASN B 98 -2.83 26.86 -39.45
CA ASN B 98 -2.78 26.43 -38.04
C ASN B 98 -1.42 25.91 -37.62
N VAL B 99 -0.89 25.00 -38.44
CA VAL B 99 0.45 24.46 -38.27
C VAL B 99 1.52 25.56 -38.26
N SER B 100 1.47 26.46 -39.25
CA SER B 100 2.48 27.53 -39.33
C SER B 100 2.38 28.50 -38.15
N ARG B 101 1.16 28.83 -37.73
CA ARG B 101 0.96 29.74 -36.59
C ARG B 101 1.45 29.11 -35.30
N ILE B 102 1.08 27.85 -35.04
CA ILE B 102 1.44 27.23 -33.77
C ILE B 102 2.94 26.92 -33.64
N VAL B 103 3.60 26.59 -34.76
CA VAL B 103 5.06 26.33 -34.77
C VAL B 103 5.84 27.66 -34.59
N ALA B 104 5.38 28.73 -35.25
CA ALA B 104 5.96 30.06 -35.05
C ALA B 104 5.86 30.54 -33.60
N LEU B 105 4.79 30.11 -32.92
CA LEU B 105 4.56 30.48 -31.54
C LEU B 105 5.24 29.54 -30.56
N GLY B 106 5.89 28.50 -31.11
CA GLY B 106 6.85 27.69 -30.34
C GLY B 106 6.53 26.24 -30.09
N ALA B 107 5.41 25.75 -30.61
CA ALA B 107 5.11 24.31 -30.59
C ALA B 107 6.15 23.55 -31.41
N GLU B 108 6.46 22.32 -31.01
CA GLU B 108 7.41 21.48 -31.73
C GLU B 108 6.87 21.05 -33.08
N THR B 109 5.58 20.74 -33.08
CA THR B 109 4.90 20.24 -34.24
C THR B 109 3.41 20.28 -33.94
N CYS B 110 2.62 19.87 -34.91
CA CYS B 110 1.20 19.82 -34.77
C CYS B 110 0.68 18.54 -35.45
N PHE B 111 -0.19 17.82 -34.73
CA PHE B 111 -0.76 16.55 -35.17
C PHE B 111 -2.19 16.73 -35.58
N GLY B 112 -2.58 16.02 -36.64
CA GLY B 112 -3.96 16.03 -37.13
C GLY B 112 -4.82 15.04 -36.36
N LYS B 113 -6.13 15.13 -36.54
CA LYS B 113 -7.06 14.18 -35.92
C LYS B 113 -7.98 13.53 -36.98
N PRO B 114 -8.14 12.17 -36.93
CA PRO B 114 -7.59 11.19 -35.98
C PRO B 114 -6.07 11.13 -35.98
N LEU B 115 -5.50 10.90 -34.79
CA LEU B 115 -4.08 11.09 -34.56
C LEU B 115 -3.26 9.86 -34.94
N ASN B 116 -2.13 10.09 -35.61
CA ASN B 116 -1.19 9.02 -35.97
C ASN B 116 -0.30 8.60 -34.82
N PHE B 117 -0.62 7.47 -34.22
CA PHE B 117 0.07 7.00 -33.02
C PHE B 117 1.50 6.51 -33.27
N THR B 118 1.74 6.01 -34.49
CA THR B 118 3.07 5.55 -34.89
C THR B 118 4.03 6.75 -34.93
N LEU B 119 3.58 7.82 -35.59
CA LEU B 119 4.30 9.08 -35.65
C LEU B 119 4.51 9.68 -34.27
N LEU B 120 3.45 9.71 -33.44
CA LEU B 120 3.51 10.29 -32.11
C LEU B 120 4.51 9.57 -31.19
N GLU B 121 4.49 8.24 -31.20
CA GLU B 121 5.44 7.44 -30.41
C GLU B 121 6.89 7.80 -30.73
N LYS B 122 7.19 7.83 -32.03
CA LYS B 122 8.52 8.22 -32.52
C LYS B 122 8.82 9.65 -32.06
N THR B 123 7.94 10.58 -32.44
CA THR B 123 8.13 12.02 -32.14
C THR B 123 8.30 12.31 -30.64
N ILE B 124 7.51 11.67 -29.78
CA ILE B 124 7.60 11.92 -28.34
C ILE B 124 8.92 11.40 -27.75
N LYS B 125 9.29 10.16 -28.04
CA LYS B 125 10.58 9.57 -27.62
C LYS B 125 11.81 10.40 -28.07
N GLN B 126 11.78 10.88 -29.31
CA GLN B 126 12.89 11.62 -29.87
CA GLN B 126 12.85 11.66 -29.93
C GLN B 126 13.00 13.06 -29.33
N LEU B 127 11.86 13.72 -29.12
CA LEU B 127 11.82 15.08 -28.54
C LEU B 127 12.01 15.11 -27.02
N VAL B 128 11.84 13.96 -26.37
CA VAL B 128 12.18 13.81 -24.94
C VAL B 128 13.69 13.95 -24.75
N GLU B 129 14.45 13.29 -25.64
CA GLU B 129 15.91 13.35 -25.61
C GLU B 129 16.51 14.62 -26.26
N GLN B 130 15.67 15.40 -26.94
CA GLN B 130 16.05 16.74 -27.44
C GLN B 130 16.39 17.67 -26.28
N LYS B 131 15.54 17.69 -25.25
CA LYS B 131 15.79 18.47 -24.05
C LYS B 131 16.87 17.83 -23.14
N LYS B 132 17.00 16.50 -23.22
CA LYS B 132 17.99 15.77 -22.45
C LYS B 132 19.39 15.86 -23.08
N ASP C 8 13.69 3.31 17.83
CA ASP C 8 12.70 2.72 16.89
C ASP C 8 13.27 2.50 15.49
N PHE C 9 13.31 1.24 15.07
CA PHE C 9 13.68 0.89 13.70
C PHE C 9 12.64 -0.05 13.10
N SER C 10 12.18 0.26 11.91
CA SER C 10 11.09 -0.46 11.29
C SER C 10 11.44 -0.89 9.88
N ILE C 11 11.33 -2.20 9.63
CA ILE C 11 11.60 -2.77 8.31
C ILE C 11 10.34 -3.44 7.77
N LEU C 12 9.94 -3.08 6.55
CA LEU C 12 8.89 -3.80 5.87
C LEU C 12 9.47 -4.63 4.75
N ILE C 13 9.15 -5.92 4.80
CA ILE C 13 9.55 -6.85 3.78
C ILE C 13 8.36 -7.10 2.84
N ILE C 14 8.54 -6.81 1.56
CA ILE C 14 7.53 -7.09 0.53
C ILE C 14 8.00 -8.29 -0.33
N GLU C 15 7.46 -9.45 0.00
CA GLU C 15 7.93 -10.69 -0.58
C GLU C 15 6.78 -11.71 -0.56
N ASP C 16 6.42 -12.20 -1.75
CA ASP C 16 5.38 -13.24 -1.86
C ASP C 16 5.89 -14.67 -1.64
N ASP C 17 7.21 -14.87 -1.76
CA ASP C 17 7.86 -16.13 -1.39
C ASP C 17 7.84 -16.21 0.13
N LYS C 18 6.90 -16.98 0.67
CA LYS C 18 6.69 -17.04 2.11
C LYS C 18 7.93 -17.58 2.83
N GLU C 19 8.50 -18.66 2.30
CA GLU C 19 9.67 -19.32 2.90
C GLU C 19 10.90 -18.41 3.00
N PHE C 20 11.16 -17.67 1.92
CA PHE C 20 12.27 -16.71 1.86
C PHE C 20 12.03 -15.52 2.78
N ALA C 21 10.78 -15.07 2.85
CA ALA C 21 10.37 -14.00 3.76
C ALA C 21 10.58 -14.35 5.23
N ASP C 22 10.31 -15.60 5.59
CA ASP C 22 10.50 -16.08 6.96
C ASP C 22 11.98 -16.24 7.30
N MET C 23 12.78 -16.74 6.35
CA MET C 23 14.26 -16.78 6.47
C MET C 23 14.80 -15.38 6.71
N LEU C 24 14.39 -14.46 5.85
CA LEU C 24 14.86 -13.08 5.90
C LEU C 24 14.48 -12.37 7.22
N THR C 25 13.26 -12.60 7.69
CA THR C 25 12.80 -12.05 8.99
C THR C 25 13.58 -12.64 10.17
N GLN C 26 13.74 -13.97 10.19
CA GLN C 26 14.57 -14.64 11.21
C GLN C 26 15.95 -14.01 11.30
N PHE C 27 16.63 -13.91 10.16
CA PHE C 27 17.95 -13.28 10.03
C PHE C 27 17.96 -11.88 10.60
N LEU C 28 16.99 -11.07 10.19
CA LEU C 28 16.89 -9.68 10.65
C LEU C 28 16.49 -9.56 12.13
N GLU C 29 15.62 -10.45 12.59
CA GLU C 29 15.21 -10.45 14.00
C GLU C 29 16.33 -10.89 14.91
N ASN C 30 17.13 -11.86 14.47
CA ASN C 30 18.28 -12.32 15.24
C ASN C 30 19.38 -11.25 15.31
N LEU C 31 19.54 -10.50 14.22
CA LEU C 31 20.48 -9.38 14.18
C LEU C 31 20.04 -8.18 14.99
N PHE C 32 18.78 -7.79 14.85
CA PHE C 32 18.22 -6.60 15.51
C PHE C 32 16.96 -6.97 16.30
N PRO C 33 17.14 -7.40 17.56
CA PRO C 33 16.04 -7.93 18.38
C PRO C 33 15.06 -6.85 18.84
N TYR C 34 15.43 -5.58 18.66
CA TYR C 34 14.58 -4.45 19.04
C TYR C 34 13.81 -3.83 17.87
N ALA C 35 14.23 -4.15 16.65
CA ALA C 35 13.59 -3.62 15.45
C ALA C 35 12.24 -4.26 15.21
N LYS C 36 11.32 -3.48 14.65
CA LYS C 36 10.03 -3.96 14.21
C LYS C 36 10.14 -4.47 12.76
N ILE C 37 9.97 -5.77 12.58
CA ILE C 37 10.05 -6.38 11.24
C ILE C 37 8.67 -6.91 10.83
N LYS C 38 8.09 -6.32 9.79
CA LYS C 38 6.81 -6.79 9.28
C LYS C 38 6.93 -7.29 7.85
N ILE C 39 6.14 -8.29 7.49
CA ILE C 39 6.12 -8.84 6.14
C ILE C 39 4.77 -8.56 5.46
N ALA C 40 4.80 -8.21 4.19
CA ALA C 40 3.61 -8.15 3.33
C ALA C 40 3.74 -9.22 2.26
N TYR C 41 2.81 -10.17 2.25
CA TYR C 41 2.87 -11.33 1.35
C TYR C 41 2.17 -11.13 0.02
N ASN C 42 1.37 -10.06 -0.08
CA ASN C 42 0.52 -9.81 -1.23
C ASN C 42 0.56 -8.32 -1.58
N PRO C 43 0.21 -7.94 -2.84
CA PRO C 43 0.24 -6.52 -3.21
C PRO C 43 -0.58 -5.56 -2.35
N PHE C 44 -1.76 -5.98 -1.90
CA PHE C 44 -2.62 -5.11 -1.10
C PHE C 44 -2.00 -4.75 0.25
N ASP C 45 -1.52 -5.78 0.93
CA ASP C 45 -0.87 -5.63 2.22
C ASP C 45 0.39 -4.79 2.12
N ALA C 46 1.15 -4.95 1.03
CA ALA C 46 2.27 -4.05 0.72
C ALA C 46 1.88 -2.56 0.74
N GLY C 47 0.84 -2.21 -0.04
CA GLY C 47 0.32 -0.83 -0.14
C GLY C 47 -0.22 -0.32 1.19
N ASP C 48 -0.85 -1.20 1.92
CA ASP C 48 -1.48 -0.88 3.19
C ASP C 48 -0.43 -0.69 4.29
N LEU C 49 0.46 -1.68 4.42
CA LEU C 49 1.49 -1.67 5.49
C LEU C 49 2.57 -0.58 5.33
N LEU C 50 2.78 -0.12 4.09
CA LEU C 50 3.60 1.06 3.79
C LEU C 50 3.27 2.26 4.69
N HIS C 51 1.98 2.46 4.96
CA HIS C 51 1.53 3.54 5.84
C HIS C 51 1.38 3.11 7.30
N THR C 52 0.94 1.87 7.50
CA THR C 52 0.70 1.31 8.83
C THR C 52 2.02 1.12 9.62
N VAL C 53 3.00 0.50 8.96
CA VAL C 53 4.27 0.13 9.57
C VAL C 53 5.19 1.35 9.65
N LYS C 54 4.96 2.31 8.75
CA LYS C 54 5.84 3.49 8.59
CA LYS C 54 5.84 3.48 8.56
C LYS C 54 7.31 3.04 8.58
N PRO C 55 7.71 2.20 7.58
CA PRO C 55 9.04 1.60 7.63
C PRO C 55 10.19 2.59 7.35
N ASP C 56 11.32 2.34 8.00
CA ASP C 56 12.56 3.07 7.75
C ASP C 56 13.16 2.54 6.47
N VAL C 57 13.20 1.21 6.35
CA VAL C 57 13.59 0.55 5.12
C VAL C 57 12.52 -0.41 4.59
N VAL C 58 12.34 -0.45 3.27
CA VAL C 58 11.60 -1.54 2.69
C VAL C 58 12.48 -2.46 1.86
N MET C 59 12.33 -3.74 2.13
CA MET C 59 12.96 -4.75 1.31
C MET C 59 11.95 -5.26 0.29
N LEU C 60 12.33 -5.18 -0.97
CA LEU C 60 11.36 -5.24 -2.04
C LEU C 60 11.76 -6.25 -3.08
N ASP C 61 10.93 -7.28 -3.27
CA ASP C 61 11.19 -8.24 -4.35
C ASP C 61 10.72 -7.63 -5.66
N LEU C 62 11.54 -7.77 -6.68
CA LEU C 62 11.24 -7.20 -7.99
C LEU C 62 10.46 -8.17 -8.88
N MET C 63 10.19 -9.36 -8.33
CA MET C 63 9.49 -10.44 -9.03
C MET C 63 8.21 -10.87 -8.30
N MET C 64 7.82 -10.09 -7.27
CA MET C 64 6.59 -10.32 -6.51
C MET C 64 5.36 -10.35 -7.46
N VAL C 65 4.67 -11.49 -7.51
CA VAL C 65 3.54 -11.72 -8.43
C VAL C 65 2.33 -10.84 -8.11
N GLY C 66 1.78 -10.19 -9.14
CA GLY C 66 0.61 -9.33 -8.99
C GLY C 66 0.99 -7.89 -8.70
N MET C 67 2.28 -7.63 -8.73
CA MET C 67 2.84 -6.35 -8.32
C MET C 67 4.12 -6.03 -9.12
N ASP C 68 4.36 -4.75 -9.34
CA ASP C 68 5.56 -4.33 -10.04
C ASP C 68 6.52 -3.61 -9.09
N GLY C 69 7.62 -4.30 -8.73
CA GLY C 69 8.65 -3.75 -7.85
C GLY C 69 9.20 -2.42 -8.32
N PHE C 70 9.46 -2.35 -9.63
CA PHE C 70 9.94 -1.16 -10.31
C PHE C 70 9.00 0.01 -10.09
N SER C 71 7.72 -0.22 -10.40
CA SER C 71 6.68 0.78 -10.17
C SER C 71 6.51 1.14 -8.69
N ILE C 72 6.58 0.12 -7.82
CA ILE C 72 6.45 0.31 -6.36
C ILE C 72 7.59 1.16 -5.82
N CYS C 73 8.83 0.76 -6.14
CA CYS C 73 10.03 1.52 -5.76
C CYS C 73 9.89 2.98 -6.19
N HIS C 74 9.49 3.17 -7.45
CA HIS C 74 9.20 4.49 -7.99
C HIS C 74 8.21 5.28 -7.13
N ARG C 75 7.05 4.68 -6.84
CA ARG C 75 6.00 5.34 -6.02
C ARG C 75 6.52 5.80 -4.67
N ILE C 76 7.33 4.96 -4.02
CA ILE C 76 7.86 5.27 -2.70
C ILE C 76 8.85 6.44 -2.74
N LYS C 77 9.78 6.38 -3.68
CA LYS C 77 10.88 7.33 -3.71
C LYS C 77 10.50 8.65 -4.40
N SER C 78 9.52 8.61 -5.30
CA SER C 78 9.11 9.82 -6.02
C SER C 78 7.90 10.52 -5.41
N THR C 79 7.68 10.29 -4.10
CA THR C 79 6.59 10.90 -3.35
C THR C 79 7.14 11.47 -2.05
N PRO C 80 6.98 12.78 -1.84
CA PRO C 80 7.56 13.49 -0.68
C PRO C 80 7.31 12.85 0.69
N ALA C 81 6.18 12.17 0.85
CA ALA C 81 5.80 11.62 2.15
C ALA C 81 6.60 10.37 2.51
N THR C 82 6.89 9.58 1.49
CA THR C 82 7.59 8.31 1.66
C THR C 82 9.02 8.35 1.11
N ALA C 83 9.52 9.54 0.77
CA ALA C 83 10.78 9.73 0.03
C ALA C 83 12.02 9.43 0.85
N ASN C 84 11.92 9.53 2.17
CA ASN C 84 13.06 9.25 3.05
C ASN C 84 13.21 7.77 3.42
N ILE C 85 12.30 6.94 2.92
CA ILE C 85 12.31 5.49 3.11
C ILE C 85 13.42 4.88 2.26
N ILE C 86 14.26 4.07 2.90
CA ILE C 86 15.35 3.37 2.23
C ILE C 86 14.83 2.10 1.55
N VAL C 87 14.85 2.08 0.22
CA VAL C 87 14.39 0.91 -0.54
C VAL C 87 15.57 0.04 -0.96
N ILE C 88 15.55 -1.23 -0.57
CA ILE C 88 16.55 -2.21 -0.96
C ILE C 88 15.85 -3.23 -1.85
N ALA C 89 16.28 -3.36 -3.09
CA ALA C 89 15.68 -4.32 -4.01
C ALA C 89 16.35 -5.70 -3.91
N MET C 90 15.58 -6.73 -4.25
CA MET C 90 16.06 -8.11 -4.24
C MET C 90 15.45 -8.75 -5.47
N THR C 91 16.24 -9.50 -6.25
CA THR C 91 15.68 -10.25 -7.40
C THR C 91 16.36 -11.59 -7.69
N GLY C 92 15.55 -12.55 -8.14
CA GLY C 92 16.01 -13.91 -8.50
C GLY C 92 16.95 -13.98 -9.68
N ALA C 93 16.67 -13.19 -10.72
CA ALA C 93 17.54 -13.09 -11.89
C ALA C 93 18.10 -11.67 -12.01
N LEU C 94 19.34 -11.48 -11.54
CA LEU C 94 20.05 -10.22 -11.71
C LEU C 94 20.45 -10.00 -13.16
N THR C 95 20.13 -8.81 -13.69
CA THR C 95 20.73 -8.34 -14.95
C THR C 95 21.28 -6.94 -14.69
N ASP C 96 22.24 -6.52 -15.52
CA ASP C 96 22.82 -5.17 -15.45
C ASP C 96 21.77 -4.08 -15.67
N ASP C 97 20.80 -4.38 -16.52
CA ASP C 97 19.67 -3.51 -16.80
C ASP C 97 18.76 -3.27 -15.58
N ASN C 98 18.35 -4.36 -14.91
CA ASN C 98 17.51 -4.33 -13.70
C ASN C 98 18.03 -3.48 -12.55
N VAL C 99 19.33 -3.60 -12.29
CA VAL C 99 20.00 -2.87 -11.23
C VAL C 99 20.08 -1.40 -11.61
N SER C 100 20.40 -1.14 -12.87
CA SER C 100 20.46 0.22 -13.38
C SER C 100 19.09 0.87 -13.23
N ARG C 101 18.05 0.17 -13.70
CA ARG C 101 16.66 0.65 -13.61
C ARG C 101 16.20 0.92 -12.18
N ILE C 102 16.30 -0.09 -11.31
CA ILE C 102 15.85 0.04 -9.93
C ILE C 102 16.61 1.08 -9.10
N VAL C 103 17.93 1.17 -9.27
CA VAL C 103 18.74 2.20 -8.59
C VAL C 103 18.39 3.60 -9.14
N ALA C 104 18.16 3.67 -10.46
CA ALA C 104 17.69 4.90 -11.09
C ALA C 104 16.33 5.32 -10.53
N LEU C 105 15.42 4.36 -10.36
CA LEU C 105 14.11 4.60 -9.72
C LEU C 105 14.16 4.92 -8.23
N GLY C 106 15.34 4.82 -7.61
CA GLY C 106 15.53 5.26 -6.22
C GLY C 106 15.96 4.23 -5.17
N ALA C 107 16.18 2.99 -5.57
CA ALA C 107 16.63 1.96 -4.64
C ALA C 107 18.07 2.25 -4.25
N GLU C 108 18.40 2.06 -2.97
CA GLU C 108 19.78 2.25 -2.48
C GLU C 108 20.72 1.23 -3.09
N THR C 109 20.23 0.01 -3.28
CA THR C 109 20.98 -1.05 -3.94
C THR C 109 20.04 -2.15 -4.40
N CYS C 110 20.60 -3.17 -5.07
CA CYS C 110 19.85 -4.37 -5.42
C CYS C 110 20.65 -5.61 -5.06
N PHE C 111 20.02 -6.53 -4.34
CA PHE C 111 20.61 -7.82 -3.98
C PHE C 111 20.11 -8.90 -4.93
N GLY C 112 20.94 -9.89 -5.22
CA GLY C 112 20.50 -11.06 -5.97
C GLY C 112 19.90 -12.09 -5.02
N LYS C 113 19.22 -13.08 -5.59
CA LYS C 113 18.77 -14.25 -4.83
C LYS C 113 19.45 -15.48 -5.45
N PRO C 114 20.20 -16.27 -4.65
CA PRO C 114 20.44 -16.23 -3.20
C PRO C 114 21.12 -14.96 -2.69
N LEU C 115 20.52 -14.41 -1.64
CA LEU C 115 21.00 -13.19 -1.01
C LEU C 115 22.35 -13.33 -0.31
N ASN C 116 23.23 -12.34 -0.48
CA ASN C 116 24.45 -12.27 0.34
C ASN C 116 24.14 -11.68 1.71
N PHE C 117 24.05 -12.57 2.68
CA PHE C 117 23.73 -12.18 4.04
C PHE C 117 24.82 -11.41 4.76
N THR C 118 26.08 -11.68 4.42
CA THR C 118 27.22 -10.92 4.99
C THR C 118 27.11 -9.45 4.59
N LEU C 119 26.79 -9.21 3.32
CA LEU C 119 26.67 -7.86 2.81
C LEU C 119 25.38 -7.22 3.29
N LEU C 120 24.32 -8.01 3.43
CA LEU C 120 23.05 -7.47 3.92
C LEU C 120 23.21 -6.99 5.36
N GLU C 121 23.79 -7.85 6.20
CA GLU C 121 24.13 -7.50 7.59
C GLU C 121 24.91 -6.19 7.68
N LYS C 122 26.00 -6.06 6.92
CA LYS C 122 26.76 -4.81 6.82
C LYS C 122 25.88 -3.63 6.41
N THR C 123 25.09 -3.81 5.35
CA THR C 123 24.19 -2.77 4.83
C THR C 123 23.17 -2.28 5.85
N ILE C 124 22.42 -3.19 6.47
CA ILE C 124 21.44 -2.79 7.47
C ILE C 124 22.07 -2.18 8.75
N LYS C 125 23.15 -2.78 9.28
CA LYS C 125 23.85 -2.24 10.47
C LYS C 125 24.31 -0.80 10.24
N GLN C 126 24.78 -0.53 9.02
CA GLN C 126 25.14 0.81 8.55
C GLN C 126 23.95 1.77 8.58
N LEU C 127 22.77 1.31 8.17
CA LEU C 127 21.59 2.19 8.13
C LEU C 127 21.02 2.44 9.52
N VAL C 128 21.12 1.43 10.40
CA VAL C 128 20.77 1.54 11.83
C VAL C 128 21.64 2.61 12.55
N GLU C 129 22.84 2.87 12.02
CA GLU C 129 23.63 4.04 12.44
C GLU C 129 23.26 5.32 11.66
N GLN C 130 23.43 5.27 10.33
CA GLN C 130 23.09 6.39 9.44
C GLN C 130 21.58 6.55 9.27
#